data_8RZX
#
_entry.id   8RZX
#
_entity_poly.entity_id   1
_entity_poly.type   'polydeoxyribonucleotide'
_entity_poly.pdbx_seq_one_letter_code
;(DT)(DG)(DG)(DG)(DC)(DG)(DG)(DG)(DG)(DC)(DA)(DC)(DA)(DG)(DG)(DT)(DG)(DG)(DG)(DC)
(DG)(DG)(DG)(DG)
;
_entity_poly.pdbx_strand_id   A
#